data_1T0A
#
_entry.id   1T0A
#
_cell.length_a   117.088
_cell.length_b   117.088
_cell.length_c   108.937
_cell.angle_alpha   90.00
_cell.angle_beta   90.00
_cell.angle_gamma   90.00
#
_symmetry.space_group_name_H-M   'P 43 21 2'
#
loop_
_entity.id
_entity.type
_entity.pdbx_description
1 polymer '2C-methyl-D-erythritol 2,4-cyclodiphosphate synthase'
2 non-polymer 'ZINC ION'
3 non-polymer 'COBALT (II) ION'
4 non-polymer 'FARNESYL DIPHOSPHATE'
5 water water
#
_entity_poly.entity_id   1
_entity_poly.type   'polypeptide(L)'
_entity_poly.pdbx_seq_one_letter_code
;MKIRIGHGFDVHKFGEPRPLILCGVEVPYETGLVAHSDGDVVLHAISDAILGA(MSE)ALGDIGKHFPDTDAAYKGADSR
VLLRHCYALAKAKGFELGNLDVTIIAQAPK(MSE)APHIED(MSE)RQVLAADLNADVADINVKATTTEKLGFTGRKEGI
AVEAVVLLSRQ
;
_entity_poly.pdbx_strand_id   A,B,C
#
# COMPACT_ATOMS: atom_id res chain seq x y z
N LYS A 2 4.42 -16.45 -16.27
CA LYS A 2 3.45 -15.83 -15.32
C LYS A 2 4.18 -14.94 -14.29
N ILE A 3 3.55 -13.83 -13.99
CA ILE A 3 4.04 -12.93 -12.94
C ILE A 3 2.96 -12.83 -11.90
N ARG A 4 3.36 -12.75 -10.64
CA ARG A 4 2.45 -12.62 -9.51
C ARG A 4 2.87 -11.47 -8.61
N ILE A 5 1.88 -10.71 -8.13
CA ILE A 5 2.07 -9.56 -7.24
C ILE A 5 1.78 -9.92 -5.79
N GLY A 6 2.51 -9.27 -4.89
CA GLY A 6 2.24 -9.37 -3.47
C GLY A 6 2.41 -8.05 -2.76
N HIS A 7 1.70 -7.89 -1.66
CA HIS A 7 1.77 -6.70 -0.81
C HIS A 7 1.95 -7.13 0.64
N GLY A 8 2.84 -6.46 1.36
CA GLY A 8 2.99 -6.70 2.76
C GLY A 8 2.92 -5.41 3.55
N PHE A 9 2.41 -5.53 4.77
CA PHE A 9 2.33 -4.39 5.68
C PHE A 9 2.58 -4.89 7.09
N ASP A 10 3.46 -4.23 7.83
CA ASP A 10 3.68 -4.59 9.22
C ASP A 10 3.96 -3.34 10.06
N VAL A 11 3.67 -3.48 11.34
CA VAL A 11 3.94 -2.46 12.34
C VAL A 11 4.42 -3.14 13.63
N HIS A 12 5.42 -2.54 14.27
CA HIS A 12 5.71 -2.81 15.67
C HIS A 12 5.91 -1.53 16.46
N LYS A 13 5.66 -1.64 17.74
CA LYS A 13 5.81 -0.54 18.71
C LYS A 13 7.23 -0.49 19.26
N PHE A 14 7.76 0.73 19.46
CA PHE A 14 9.02 0.90 20.19
C PHE A 14 8.83 0.53 21.66
N GLY A 15 9.96 0.33 22.33
CA GLY A 15 9.96 0.15 23.77
C GLY A 15 10.56 -1.14 24.31
N GLU A 16 11.17 -1.95 23.44
CA GLU A 16 11.93 -3.13 23.90
C GLU A 16 13.41 -2.78 23.99
N PRO A 17 14.04 -2.93 25.16
CA PRO A 17 15.46 -2.61 25.29
C PRO A 17 16.37 -3.68 24.67
N ARG A 18 16.54 -3.54 23.36
CA ARG A 18 17.36 -4.46 22.56
C ARG A 18 17.74 -3.74 21.28
N PRO A 19 18.73 -4.26 20.54
CA PRO A 19 19.13 -3.65 19.29
C PRO A 19 17.94 -3.52 18.32
N LEU A 20 17.94 -2.40 17.62
CA LEU A 20 16.93 -2.12 16.58
C LEU A 20 17.46 -2.73 15.29
N ILE A 21 16.88 -3.85 14.87
CA ILE A 21 17.31 -4.51 13.64
C ILE A 21 16.20 -4.29 12.63
N LEU A 22 16.59 -3.64 11.54
CA LEU A 22 15.70 -3.28 10.45
C LEU A 22 16.30 -3.76 9.12
N CYS A 23 15.57 -4.58 8.39
CA CYS A 23 16.02 -5.17 7.14
C CYS A 23 17.38 -5.82 7.33
N GLY A 24 17.53 -6.42 8.50
CA GLY A 24 18.71 -7.21 8.84
C GLY A 24 19.88 -6.37 9.29
N VAL A 25 19.68 -5.06 9.45
CA VAL A 25 20.75 -4.11 9.75
C VAL A 25 20.50 -3.46 11.11
N GLU A 26 21.53 -3.42 11.97
CA GLU A 26 21.42 -2.74 13.26
C GLU A 26 21.49 -1.24 13.05
N VAL A 27 20.44 -0.52 13.45
CA VAL A 27 20.40 0.91 13.30
C VAL A 27 20.42 1.50 14.71
N PRO A 28 21.35 2.42 14.99
CA PRO A 28 21.41 3.01 16.34
C PRO A 28 20.11 3.74 16.70
N TYR A 29 19.60 3.43 17.88
CA TYR A 29 18.44 4.10 18.45
C TYR A 29 18.30 3.82 19.94
N GLU A 30 17.65 4.72 20.65
CA GLU A 30 17.52 4.61 22.10
C GLU A 30 16.77 3.36 22.58
N THR A 31 15.93 2.78 21.71
CA THR A 31 15.20 1.57 22.06
C THR A 31 15.02 0.72 20.81
N GLY A 32 14.45 -0.45 21.01
CA GLY A 32 14.14 -1.37 19.90
C GLY A 32 12.65 -1.58 19.79
N LEU A 33 12.27 -2.60 19.02
CA LEU A 33 10.87 -2.89 18.74
C LEU A 33 10.36 -4.08 19.49
N VAL A 34 9.16 -3.96 20.03
CA VAL A 34 8.48 -5.04 20.70
C VAL A 34 7.92 -6.07 19.69
N ALA A 35 8.29 -7.34 19.86
CA ALA A 35 7.78 -8.40 19.00
C ALA A 35 8.16 -9.76 19.56
N HIS A 36 7.48 -10.79 19.07
CA HIS A 36 7.80 -12.17 19.46
C HIS A 36 9.19 -12.55 18.93
N SER A 37 9.41 -12.33 17.63
CA SER A 37 10.72 -12.52 17.01
C SER A 37 11.67 -11.38 17.37
N ASP A 38 12.75 -11.19 16.61
CA ASP A 38 13.66 -10.07 16.79
C ASP A 38 13.06 -8.68 16.47
N GLY A 39 11.84 -8.66 15.94
CA GLY A 39 11.12 -7.41 15.74
C GLY A 39 11.43 -6.69 14.45
N ASP A 40 12.05 -7.38 13.49
CA ASP A 40 12.40 -6.76 12.24
C ASP A 40 11.19 -6.56 11.32
N VAL A 41 10.54 -5.42 11.54
CA VAL A 41 9.30 -5.05 10.85
C VAL A 41 9.50 -4.96 9.34
N VAL A 42 10.70 -4.64 8.88
CA VAL A 42 10.95 -4.56 7.45
C VAL A 42 10.93 -5.96 6.84
N LEU A 43 11.68 -6.89 7.43
CA LEU A 43 11.67 -8.24 6.88
C LEU A 43 10.33 -8.93 7.00
N HIS A 44 9.57 -8.65 8.05
CA HIS A 44 8.22 -9.22 8.18
C HIS A 44 7.34 -8.74 7.03
N ALA A 45 7.36 -7.44 6.72
CA ALA A 45 6.51 -6.95 5.62
C ALA A 45 6.89 -7.57 4.30
N ILE A 46 8.19 -7.72 4.04
CA ILE A 46 8.66 -8.31 2.80
C ILE A 46 8.26 -9.79 2.73
N SER A 47 8.42 -10.49 3.86
CA SER A 47 7.97 -11.89 3.98
C SER A 47 6.48 -12.05 3.64
N ASP A 48 5.66 -11.17 4.19
CA ASP A 48 4.23 -11.20 3.95
C ASP A 48 3.93 -10.89 2.46
N ALA A 49 4.72 -10.03 1.83
CA ALA A 49 4.53 -9.75 0.40
C ALA A 49 4.81 -11.01 -0.44
N ILE A 50 5.86 -11.72 -0.06
CA ILE A 50 6.26 -12.95 -0.79
C ILE A 50 5.24 -14.05 -0.59
N LEU A 51 4.83 -14.29 0.66
CA LEU A 51 3.76 -15.25 0.94
C LEU A 51 2.51 -14.83 0.19
N GLY A 52 2.22 -13.53 0.20
CA GLY A 52 1.01 -13.04 -0.41
C GLY A 52 0.99 -13.25 -1.92
N ALA A 53 2.09 -12.94 -2.55
CA ALA A 53 2.23 -13.18 -4.00
C ALA A 53 1.96 -14.64 -4.37
N ALA A 55 0.12 -16.74 -2.62
CA ALA A 55 -1.14 -17.19 -2.01
C ALA A 55 -0.96 -18.27 -0.95
N LEU A 56 0.01 -18.02 -0.09
CA LEU A 56 0.39 -18.94 1.00
C LEU A 56 0.04 -18.42 2.37
N GLY A 57 -0.78 -17.38 2.47
CA GLY A 57 -1.25 -16.89 3.74
C GLY A 57 -0.42 -15.72 4.23
N ASP A 58 0.05 -15.80 5.47
CA ASP A 58 0.83 -14.74 6.07
C ASP A 58 1.75 -15.28 7.17
N ILE A 59 2.55 -14.40 7.73
CA ILE A 59 3.56 -14.82 8.71
C ILE A 59 2.87 -15.26 10.00
N GLY A 60 1.65 -14.81 10.26
CA GLY A 60 0.90 -15.28 11.42
C GLY A 60 0.58 -16.76 11.33
N LYS A 61 0.36 -17.24 10.11
CA LYS A 61 0.03 -18.64 9.88
C LYS A 61 1.30 -19.49 10.01
N HIS A 62 2.36 -19.06 9.32
CA HIS A 62 3.57 -19.84 9.19
C HIS A 62 4.46 -19.79 10.42
N PHE A 63 4.45 -18.69 11.14
CA PHE A 63 5.38 -18.48 12.27
C PHE A 63 4.63 -17.86 13.44
N PRO A 64 3.69 -18.63 14.00
CA PRO A 64 2.79 -18.11 15.04
C PRO A 64 3.50 -17.59 16.30
N ASP A 65 3.00 -16.46 16.79
CA ASP A 65 3.53 -15.84 17.99
C ASP A 65 3.26 -16.67 19.24
N THR A 66 2.34 -17.61 19.18
CA THR A 66 2.07 -18.50 20.32
C THR A 66 3.16 -19.56 20.50
N ASP A 67 4.01 -19.71 19.50
CA ASP A 67 5.01 -20.78 19.46
C ASP A 67 6.41 -20.29 19.86
N ALA A 68 6.93 -20.85 20.97
CA ALA A 68 8.23 -20.44 21.51
C ALA A 68 9.41 -20.69 20.56
N ALA A 69 9.25 -21.57 19.58
CA ALA A 69 10.28 -21.82 18.55
C ALA A 69 10.74 -20.54 17.85
N TYR A 70 9.82 -19.56 17.70
CA TYR A 70 10.15 -18.31 17.02
C TYR A 70 10.51 -17.14 17.95
N LYS A 71 10.49 -17.37 19.26
CA LYS A 71 10.82 -16.32 20.19
C LYS A 71 12.25 -15.84 19.98
N GLY A 72 12.42 -14.56 19.68
CA GLY A 72 13.71 -13.93 19.45
C GLY A 72 14.38 -14.31 18.13
N ALA A 73 13.65 -15.02 17.29
CA ALA A 73 14.24 -15.55 16.06
C ALA A 73 14.71 -14.43 15.14
N ASP A 74 15.85 -14.66 14.52
CA ASP A 74 16.40 -13.81 13.50
C ASP A 74 15.43 -13.84 12.30
N SER A 75 14.89 -12.69 11.92
CA SER A 75 13.84 -12.64 10.92
C SER A 75 14.35 -12.94 9.51
N ARG A 76 15.66 -13.01 9.31
CA ARG A 76 16.21 -13.46 8.03
C ARG A 76 15.90 -14.93 7.82
N VAL A 77 15.81 -15.72 8.89
CA VAL A 77 15.38 -17.11 8.78
C VAL A 77 13.97 -17.19 8.22
N LEU A 78 13.09 -16.33 8.70
CA LEU A 78 11.69 -16.35 8.27
C LEU A 78 11.62 -15.89 6.80
N LEU A 79 12.38 -14.86 6.44
CA LEU A 79 12.38 -14.35 5.06
C LEU A 79 12.87 -15.43 4.12
N ARG A 80 13.94 -16.11 4.50
CA ARG A 80 14.49 -17.17 3.66
C ARG A 80 13.54 -18.33 3.50
N HIS A 81 12.83 -18.73 4.55
CA HIS A 81 11.78 -19.78 4.47
C HIS A 81 10.74 -19.32 3.44
N CYS A 82 10.29 -18.06 3.52
CA CYS A 82 9.20 -17.64 2.66
C CYS A 82 9.65 -17.66 1.19
N TYR A 83 10.84 -17.15 0.92
CA TYR A 83 11.38 -17.15 -0.43
C TYR A 83 11.65 -18.56 -0.94
N ALA A 84 12.10 -19.44 -0.07
CA ALA A 84 12.29 -20.83 -0.46
C ALA A 84 11.00 -21.49 -0.89
N LEU A 85 9.88 -21.13 -0.27
CA LEU A 85 8.59 -21.65 -0.69
C LEU A 85 8.28 -21.17 -2.11
N ALA A 86 8.53 -19.88 -2.39
CA ALA A 86 8.32 -19.36 -3.74
C ALA A 86 9.17 -20.12 -4.75
N LYS A 87 10.44 -20.32 -4.43
CA LYS A 87 11.38 -21.03 -5.32
C LYS A 87 10.91 -22.46 -5.53
N ALA A 88 10.41 -23.11 -4.48
CA ALA A 88 9.93 -24.50 -4.59
C ALA A 88 8.74 -24.62 -5.54
N LYS A 89 7.96 -23.53 -5.61
CA LYS A 89 6.80 -23.43 -6.48
C LYS A 89 7.13 -22.90 -7.88
N GLY A 90 8.40 -22.66 -8.14
CA GLY A 90 8.90 -22.34 -9.45
C GLY A 90 9.02 -20.86 -9.75
N PHE A 91 8.99 -20.03 -8.71
CA PHE A 91 9.06 -18.58 -8.86
C PHE A 91 10.36 -18.00 -8.31
N GLU A 92 10.74 -16.83 -8.82
CA GLU A 92 11.89 -16.12 -8.29
C GLU A 92 11.57 -14.63 -8.29
N LEU A 93 12.44 -13.83 -7.70
CA LEU A 93 12.22 -12.40 -7.61
C LEU A 93 12.21 -11.76 -8.99
N GLY A 94 11.17 -10.98 -9.25
CA GLY A 94 11.13 -10.07 -10.39
C GLY A 94 11.81 -8.80 -9.89
N ASN A 95 11.08 -8.09 -9.04
CA ASN A 95 11.65 -6.97 -8.31
C ASN A 95 10.83 -6.67 -7.05
N LEU A 96 11.45 -5.95 -6.13
CA LEU A 96 10.94 -5.66 -4.82
C LEU A 96 11.10 -4.16 -4.53
N ASP A 97 10.06 -3.55 -3.99
CA ASP A 97 10.11 -2.16 -3.57
C ASP A 97 9.49 -2.04 -2.18
N VAL A 98 10.24 -1.47 -1.26
CA VAL A 98 9.88 -1.42 0.15
C VAL A 98 9.87 0.02 0.59
N THR A 99 8.92 0.37 1.46
CA THR A 99 8.78 1.72 2.02
C THR A 99 8.74 1.65 3.54
N ILE A 100 9.76 2.16 4.19
CA ILE A 100 9.85 2.20 5.63
C ILE A 100 9.20 3.53 6.02
N ILE A 101 8.21 3.48 6.87
CA ILE A 101 7.48 4.66 7.29
C ILE A 101 7.81 4.92 8.77
N ALA A 102 8.58 5.96 9.01
CA ALA A 102 9.18 6.19 10.30
C ALA A 102 9.62 7.64 10.45
N GLN A 103 9.41 8.17 11.65
CA GLN A 103 9.87 9.54 11.94
C GLN A 103 11.34 9.53 12.38
N ALA A 104 11.74 8.43 12.99
CA ALA A 104 13.11 8.22 13.47
C ALA A 104 13.26 6.72 13.72
N PRO A 105 14.47 6.21 13.73
CA PRO A 105 15.71 6.91 13.36
C PRO A 105 15.82 7.21 11.87
N LYS A 106 16.91 7.87 11.50
CA LYS A 106 17.21 8.15 10.11
C LYS A 106 17.67 6.88 9.38
N ALA A 108 18.54 6.72 5.94
CA ALA A 108 19.35 6.93 4.73
C ALA A 108 20.75 6.31 4.83
N PRO A 109 21.46 6.44 5.95
CA PRO A 109 22.81 5.85 6.06
C PRO A 109 22.87 4.34 5.95
N HIS A 110 21.71 3.69 6.06
CA HIS A 110 21.60 2.24 6.17
C HIS A 110 21.01 1.58 4.95
N ILE A 111 20.49 2.37 4.03
CA ILE A 111 19.73 1.83 2.91
C ILE A 111 20.55 0.83 2.09
N GLU A 112 21.80 1.15 1.75
CA GLU A 112 22.58 0.25 0.91
C GLU A 112 22.90 -1.05 1.63
N ASP A 113 23.22 -0.99 2.92
CA ASP A 113 23.40 -2.22 3.71
C ASP A 113 22.13 -3.07 3.72
N ARG A 115 19.74 -3.12 1.42
CA ARG A 115 19.59 -3.69 0.08
C ARG A 115 20.48 -4.92 -0.11
N GLN A 116 21.68 -4.85 0.45
CA GLN A 116 22.63 -5.98 0.35
C GLN A 116 22.21 -7.22 1.16
N VAL A 117 21.57 -7.01 2.31
CA VAL A 117 20.96 -8.11 3.05
C VAL A 117 19.96 -8.80 2.16
N LEU A 118 19.09 -8.03 1.52
CA LEU A 118 18.05 -8.61 0.70
C LEU A 118 18.59 -9.30 -0.56
N ALA A 119 19.62 -8.73 -1.15
CA ALA A 119 20.21 -9.32 -2.35
C ALA A 119 20.78 -10.68 -2.00
N ALA A 120 21.34 -10.80 -0.80
CA ALA A 120 21.86 -12.09 -0.32
C ALA A 120 20.76 -13.10 -0.05
N ASP A 121 19.78 -12.72 0.77
CA ASP A 121 18.72 -13.63 1.16
C ASP A 121 17.78 -14.02 0.03
N LEU A 122 17.62 -13.16 -0.97
CA LEU A 122 16.73 -13.45 -2.09
C LEU A 122 17.52 -13.92 -3.32
N ASN A 123 18.83 -14.12 -3.14
CA ASN A 123 19.73 -14.59 -4.18
C ASN A 123 19.47 -13.80 -5.47
N ALA A 124 19.50 -12.48 -5.32
CA ALA A 124 19.07 -11.57 -6.37
C ALA A 124 20.09 -10.47 -6.60
N ASP A 125 19.95 -9.87 -7.76
CA ASP A 125 20.70 -8.70 -8.15
C ASP A 125 20.12 -7.50 -7.42
N VAL A 126 20.99 -6.69 -6.87
CA VAL A 126 20.57 -5.55 -6.08
C VAL A 126 19.77 -4.56 -6.94
N ALA A 127 20.00 -4.57 -8.25
CA ALA A 127 19.22 -3.77 -9.19
C ALA A 127 17.74 -4.12 -9.22
N ASP A 128 17.37 -5.26 -8.63
CA ASP A 128 15.97 -5.67 -8.52
C ASP A 128 15.36 -5.38 -7.14
N ILE A 129 16.09 -4.66 -6.31
CA ILE A 129 15.70 -4.43 -4.91
C ILE A 129 15.80 -2.96 -4.57
N ASN A 130 14.68 -2.39 -4.12
CA ASN A 130 14.68 -1.00 -3.67
C ASN A 130 14.16 -0.89 -2.26
N VAL A 131 14.83 -0.10 -1.43
CA VAL A 131 14.32 0.24 -0.09
C VAL A 131 14.29 1.77 0.03
N LYS A 132 13.11 2.26 0.38
CA LYS A 132 12.79 3.68 0.53
C LYS A 132 12.43 3.93 1.98
N ALA A 133 12.54 5.19 2.37
CA ALA A 133 11.98 5.64 3.62
C ALA A 133 11.27 6.99 3.45
N THR A 134 10.21 7.14 4.23
CA THR A 134 9.54 8.42 4.38
C THR A 134 9.07 8.60 5.80
N THR A 135 9.03 9.85 6.24
CA THR A 135 8.32 10.19 7.45
C THR A 135 6.88 10.50 7.11
N THR A 136 6.07 10.59 8.16
CA THR A 136 4.72 11.13 8.06
C THR A 136 4.61 12.53 8.68
N GLU A 137 5.70 13.26 8.68
CA GLU A 137 5.68 14.69 9.06
C GLU A 137 5.03 14.90 10.43
N LYS A 138 5.43 14.05 11.38
CA LYS A 138 5.02 14.11 12.79
C LYS A 138 3.55 13.78 13.02
N LEU A 139 2.89 13.26 12.00
CA LEU A 139 1.48 12.84 12.11
C LEU A 139 1.34 11.35 12.37
N GLY A 140 0.35 10.99 13.19
CA GLY A 140 -0.03 9.61 13.42
C GLY A 140 0.96 8.91 14.30
N PHE A 141 0.77 7.62 14.48
CA PHE A 141 1.61 6.87 15.42
C PHE A 141 3.08 6.84 14.99
N THR A 142 3.38 6.80 13.70
CA THR A 142 4.76 6.91 13.21
C THR A 142 5.32 8.27 13.48
N GLY A 143 4.51 9.29 13.23
CA GLY A 143 4.96 10.65 13.41
C GLY A 143 5.27 11.00 14.86
N ARG A 144 4.55 10.35 15.77
CA ARG A 144 4.73 10.52 17.21
C ARG A 144 5.85 9.61 17.77
N LYS A 145 6.57 8.95 16.87
CA LYS A 145 7.68 8.08 17.25
C LYS A 145 7.24 6.94 18.17
N GLU A 146 6.03 6.41 17.97
CA GLU A 146 5.49 5.33 18.79
C GLU A 146 5.91 3.95 18.25
N GLY A 147 6.21 3.92 16.95
CA GLY A 147 6.60 2.69 16.27
C GLY A 147 6.96 2.96 14.82
N ILE A 148 7.15 1.86 14.08
CA ILE A 148 7.56 1.90 12.69
C ILE A 148 6.59 1.02 11.92
N ALA A 149 6.20 1.53 10.78
CA ALA A 149 5.40 0.80 9.80
C ALA A 149 6.21 0.56 8.55
N VAL A 150 5.94 -0.55 7.87
CA VAL A 150 6.56 -0.85 6.60
C VAL A 150 5.55 -1.39 5.61
N GLU A 151 5.61 -0.88 4.39
CA GLU A 151 4.89 -1.43 3.26
C GLU A 151 5.87 -2.02 2.28
N ALA A 152 5.48 -3.09 1.60
CA ALA A 152 6.33 -3.70 0.60
C ALA A 152 5.43 -4.19 -0.54
N VAL A 153 5.91 -4.06 -1.77
CA VAL A 153 5.31 -4.74 -2.90
C VAL A 153 6.38 -5.55 -3.62
N VAL A 154 5.96 -6.68 -4.15
CA VAL A 154 6.83 -7.57 -4.86
C VAL A 154 6.18 -8.10 -6.13
N LEU A 155 7.00 -8.31 -7.13
CA LEU A 155 6.63 -9.05 -8.32
C LEU A 155 7.51 -10.28 -8.36
N LEU A 156 6.90 -11.46 -8.39
CA LEU A 156 7.59 -12.74 -8.58
C LEU A 156 7.32 -13.24 -10.00
N SER A 157 8.31 -13.85 -10.63
CA SER A 157 8.13 -14.38 -11.98
C SER A 157 8.51 -15.84 -12.04
N ARG A 158 7.83 -16.60 -12.88
CA ARG A 158 8.17 -18.02 -12.98
C ARG A 158 9.59 -18.15 -13.55
N GLN A 159 10.36 -19.10 -13.00
CA GLN A 159 11.78 -19.21 -13.29
C GLN A 159 11.99 -19.85 -14.66
N LYS B 2 -1.01 -7.99 -22.08
CA LYS B 2 -0.88 -6.78 -21.23
C LYS B 2 -1.32 -7.15 -19.80
N ILE B 3 -0.55 -6.65 -18.85
CA ILE B 3 -0.83 -6.84 -17.43
C ILE B 3 -1.04 -5.44 -16.87
N ARG B 4 -2.03 -5.28 -15.97
CA ARG B 4 -2.32 -3.98 -15.35
C ARG B 4 -2.41 -4.16 -13.82
N ILE B 5 -1.83 -3.21 -13.10
CA ILE B 5 -1.78 -3.20 -11.61
C ILE B 5 -2.88 -2.30 -11.04
N GLY B 6 -3.45 -2.68 -9.89
CA GLY B 6 -4.30 -1.77 -9.14
C GLY B 6 -4.08 -1.85 -7.65
N HIS B 7 -4.44 -0.79 -6.96
CA HIS B 7 -4.33 -0.68 -5.51
C HIS B 7 -5.63 -0.17 -4.94
N GLY B 8 -6.06 -0.76 -3.81
CA GLY B 8 -7.22 -0.30 -3.09
C GLY B 8 -6.95 -0.11 -1.62
N PHE B 9 -7.62 0.88 -1.04
CA PHE B 9 -7.52 1.16 0.39
C PHE B 9 -8.88 1.61 0.88
N ASP B 10 -9.34 1.03 1.98
CA ASP B 10 -10.60 1.45 2.61
C ASP B 10 -10.53 1.36 4.12
N VAL B 11 -11.35 2.20 4.76
CA VAL B 11 -11.52 2.22 6.20
C VAL B 11 -12.98 2.44 6.50
N HIS B 12 -13.50 1.67 7.45
CA HIS B 12 -14.72 2.01 8.16
C HIS B 12 -14.58 1.92 9.67
N LYS B 13 -15.40 2.69 10.36
CA LYS B 13 -15.39 2.72 11.82
C LYS B 13 -16.32 1.68 12.38
N PHE B 14 -15.93 1.10 13.51
CA PHE B 14 -16.84 0.28 14.29
C PHE B 14 -17.97 1.15 14.91
N GLY B 15 -19.10 0.52 15.20
CA GLY B 15 -20.18 1.18 15.92
C GLY B 15 -21.57 0.94 15.43
N GLU B 16 -21.72 0.24 14.31
CA GLU B 16 -23.04 -0.01 13.76
C GLU B 16 -23.54 -1.34 14.32
N PRO B 17 -24.70 -1.34 14.98
CA PRO B 17 -25.24 -2.57 15.58
C PRO B 17 -25.85 -3.48 14.51
N ARG B 18 -24.96 -4.22 13.85
CA ARG B 18 -25.34 -5.17 12.81
C ARG B 18 -24.26 -6.18 12.53
N PRO B 19 -24.51 -7.28 11.82
CA PRO B 19 -23.48 -8.28 11.57
C PRO B 19 -22.22 -7.66 10.94
N LEU B 20 -21.09 -8.14 11.40
CA LEU B 20 -19.79 -7.72 10.86
C LEU B 20 -19.48 -8.62 9.68
N ILE B 21 -19.64 -8.08 8.48
CA ILE B 21 -19.38 -8.85 7.27
C ILE B 21 -18.08 -8.34 6.64
N LEU B 22 -17.11 -9.25 6.52
CA LEU B 22 -15.78 -8.95 6.00
C LEU B 22 -15.44 -9.94 4.90
N CYS B 23 -15.15 -9.44 3.71
CA CYS B 23 -14.88 -10.28 2.56
C CYS B 23 -15.98 -11.33 2.37
N GLY B 24 -17.21 -10.91 2.61
CA GLY B 24 -18.42 -11.69 2.38
C GLY B 24 -18.72 -12.69 3.49
N VAL B 25 -17.95 -12.65 4.55
CA VAL B 25 -18.02 -13.65 5.63
C VAL B 25 -18.43 -12.95 6.92
N GLU B 26 -19.42 -13.52 7.63
CA GLU B 26 -19.87 -12.96 8.89
C GLU B 26 -18.90 -13.39 9.97
N VAL B 27 -18.26 -12.42 10.60
CA VAL B 27 -17.28 -12.70 11.64
C VAL B 27 -17.90 -12.26 12.98
N PRO B 28 -17.96 -13.15 13.98
CA PRO B 28 -18.54 -12.74 15.27
C PRO B 28 -17.78 -11.59 15.90
N TYR B 29 -18.55 -10.60 16.32
CA TYR B 29 -18.03 -9.44 17.05
C TYR B 29 -19.14 -8.63 17.71
N GLU B 30 -18.76 -7.84 18.72
CA GLU B 30 -19.72 -7.07 19.53
C GLU B 30 -20.45 -5.99 18.73
N THR B 31 -19.84 -5.52 17.66
CA THR B 31 -20.43 -4.48 16.86
C THR B 31 -20.03 -4.70 15.39
N GLY B 32 -20.63 -3.91 14.53
CA GLY B 32 -20.35 -3.95 13.11
C GLY B 32 -19.74 -2.65 12.65
N LEU B 33 -19.63 -2.51 11.33
CA LEU B 33 -19.00 -1.35 10.72
C LEU B 33 -20.01 -0.37 10.19
N VAL B 34 -19.76 0.91 10.45
CA VAL B 34 -20.57 1.99 9.93
C VAL B 34 -20.32 2.20 8.43
N ALA B 35 -21.38 2.13 7.64
CA ALA B 35 -21.27 2.46 6.21
C ALA B 35 -22.63 2.61 5.58
N HIS B 36 -22.65 3.21 4.40
CA HIS B 36 -23.86 3.31 3.61
C HIS B 36 -24.34 1.93 3.17
N SER B 37 -23.43 1.18 2.55
CA SER B 37 -23.68 -0.21 2.15
C SER B 37 -23.60 -1.10 3.39
N ASP B 38 -23.44 -2.41 3.18
CA ASP B 38 -23.27 -3.37 4.28
C ASP B 38 -21.98 -3.23 5.09
N GLY B 39 -21.10 -2.34 4.67
CA GLY B 39 -19.89 -2.00 5.41
C GLY B 39 -18.73 -2.92 5.20
N ASP B 40 -18.79 -3.77 4.17
CA ASP B 40 -17.71 -4.68 3.90
C ASP B 40 -16.44 -4.00 3.36
N VAL B 41 -15.61 -3.56 4.28
CA VAL B 41 -14.42 -2.78 3.98
C VAL B 41 -13.45 -3.61 3.14
N VAL B 42 -13.45 -4.92 3.30
CA VAL B 42 -12.53 -5.75 2.53
C VAL B 42 -12.95 -5.75 1.05
N LEU B 43 -14.21 -6.03 0.78
CA LEU B 43 -14.68 -6.03 -0.61
C LEU B 43 -14.57 -4.66 -1.26
N HIS B 44 -14.78 -3.58 -0.50
CA HIS B 44 -14.60 -2.26 -1.05
C HIS B 44 -13.17 -2.02 -1.52
N ALA B 45 -12.19 -2.36 -0.69
CA ALA B 45 -10.79 -2.16 -1.07
C ALA B 45 -10.43 -2.96 -2.32
N ILE B 46 -10.93 -4.19 -2.42
CA ILE B 46 -10.69 -5.03 -3.58
C ILE B 46 -11.35 -4.44 -4.82
N SER B 47 -12.57 -3.94 -4.66
CA SER B 47 -13.29 -3.31 -5.76
C SER B 47 -12.55 -2.11 -6.29
N ASP B 48 -12.02 -1.28 -5.38
CA ASP B 48 -11.26 -0.11 -5.79
C ASP B 48 -9.96 -0.54 -6.51
N ALA B 49 -9.34 -1.62 -6.07
CA ALA B 49 -8.13 -2.11 -6.75
C ALA B 49 -8.45 -2.54 -8.18
N ILE B 50 -9.58 -3.21 -8.37
CA ILE B 50 -10.00 -3.62 -9.71
C ILE B 50 -10.35 -2.43 -10.60
N LEU B 51 -11.18 -1.51 -10.13
CA LEU B 51 -11.47 -0.28 -10.85
C LEU B 51 -10.17 0.47 -11.15
N GLY B 52 -9.27 0.52 -10.17
CA GLY B 52 -8.03 1.23 -10.31
C GLY B 52 -7.15 0.66 -11.40
N ALA B 53 -7.04 -0.65 -11.45
CA ALA B 53 -6.23 -1.33 -12.45
C ALA B 53 -6.74 -1.01 -13.82
N ALA B 55 -8.41 1.75 -14.69
CA ALA B 55 -8.53 3.18 -14.87
C ALA B 55 -9.99 3.61 -15.04
N LEU B 56 -10.83 3.05 -14.17
CA LEU B 56 -12.26 3.31 -14.17
C LEU B 56 -12.74 4.12 -12.97
N GLY B 57 -11.80 4.77 -12.28
CA GLY B 57 -12.13 5.63 -11.16
C GLY B 57 -12.14 4.90 -9.83
N ASP B 58 -13.22 5.02 -9.09
CA ASP B 58 -13.30 4.43 -7.77
C ASP B 58 -14.76 4.13 -7.39
N ILE B 59 -14.97 3.51 -6.25
CA ILE B 59 -16.31 3.10 -5.84
C ILE B 59 -17.17 4.29 -5.44
N GLY B 60 -16.56 5.39 -5.06
CA GLY B 60 -17.33 6.61 -4.80
C GLY B 60 -18.02 7.17 -6.04
N LYS B 61 -17.38 6.99 -7.19
CA LYS B 61 -17.94 7.41 -8.47
C LYS B 61 -19.08 6.47 -8.90
N HIS B 62 -18.80 5.18 -8.87
CA HIS B 62 -19.70 4.17 -9.40
C HIS B 62 -20.90 3.90 -8.49
N PHE B 63 -20.70 3.99 -7.17
CA PHE B 63 -21.70 3.59 -6.18
C PHE B 63 -21.81 4.65 -5.07
N PRO B 64 -22.31 5.84 -5.41
CA PRO B 64 -22.24 6.97 -4.49
C PRO B 64 -23.10 6.80 -3.24
N ASP B 65 -22.59 7.25 -2.10
CA ASP B 65 -23.29 7.16 -0.83
C ASP B 65 -24.50 8.08 -0.72
N THR B 66 -24.64 9.02 -1.65
CA THR B 66 -25.79 9.89 -1.72
C THR B 66 -27.01 9.16 -2.30
N ASP B 67 -26.79 8.00 -2.91
CA ASP B 67 -27.85 7.24 -3.57
C ASP B 67 -28.40 6.13 -2.70
N ALA B 68 -29.68 6.22 -2.33
CA ALA B 68 -30.35 5.20 -1.55
C ALA B 68 -30.40 3.81 -2.18
N ALA B 69 -30.18 3.69 -3.49
CA ALA B 69 -30.09 2.38 -4.17
C ALA B 69 -29.05 1.48 -3.51
N TYR B 70 -28.02 2.10 -2.92
CA TYR B 70 -26.91 1.33 -2.32
C TYR B 70 -26.99 1.17 -0.81
N LYS B 71 -28.00 1.75 -0.16
CA LYS B 71 -28.13 1.64 1.28
C LYS B 71 -28.33 0.18 1.68
N GLY B 72 -27.42 -0.31 2.52
CA GLY B 72 -27.46 -1.66 3.03
C GLY B 72 -27.10 -2.72 2.00
N ALA B 73 -26.62 -2.29 0.85
CA ALA B 73 -26.36 -3.22 -0.23
C ALA B 73 -25.29 -4.23 0.15
N ASP B 74 -25.47 -5.44 -0.34
CA ASP B 74 -24.49 -6.49 -0.23
C ASP B 74 -23.31 -6.12 -1.12
N SER B 75 -22.12 -6.01 -0.53
CA SER B 75 -20.98 -5.50 -1.25
C SER B 75 -20.47 -6.48 -2.33
N ARG B 76 -20.92 -7.72 -2.30
CA ARG B 76 -20.59 -8.65 -3.38
C ARG B 76 -21.18 -8.18 -4.70
N VAL B 77 -22.30 -7.48 -4.64
CA VAL B 77 -22.90 -6.94 -5.86
C VAL B 77 -21.96 -5.90 -6.46
N LEU B 78 -21.40 -5.04 -5.62
CA LEU B 78 -20.45 -4.04 -6.07
C LEU B 78 -19.18 -4.67 -6.64
N LEU B 79 -18.63 -5.66 -5.94
CA LEU B 79 -17.43 -6.35 -6.38
C LEU B 79 -17.67 -7.01 -7.73
N ARG B 80 -18.83 -7.66 -7.87
CA ARG B 80 -19.11 -8.34 -9.13
C ARG B 80 -19.28 -7.39 -10.28
N HIS B 81 -19.86 -6.22 -10.03
CA HIS B 81 -20.02 -5.17 -11.04
C HIS B 81 -18.63 -4.71 -11.50
N CYS B 82 -17.73 -4.48 -10.54
CA CYS B 82 -16.41 -3.96 -10.91
C CYS B 82 -15.65 -5.00 -11.71
N TYR B 83 -15.70 -6.27 -11.30
CA TYR B 83 -15.01 -7.33 -12.02
C TYR B 83 -15.63 -7.53 -13.41
N ALA B 84 -16.95 -7.38 -13.51
CA ALA B 84 -17.61 -7.51 -14.81
C ALA B 84 -17.17 -6.43 -15.77
N LEU B 85 -16.91 -5.22 -15.26
CA LEU B 85 -16.36 -4.16 -16.09
C LEU B 85 -14.98 -4.57 -16.64
N ALA B 86 -14.13 -5.15 -15.78
CA ALA B 86 -12.83 -5.62 -16.24
C ALA B 86 -12.94 -6.69 -17.33
N LYS B 87 -13.82 -7.66 -17.11
CA LYS B 87 -14.06 -8.75 -18.07
C LYS B 87 -14.58 -8.19 -19.41
N ALA B 88 -15.48 -7.22 -19.34
CA ALA B 88 -16.03 -6.59 -20.56
C ALA B 88 -14.94 -5.88 -21.37
N LYS B 89 -13.90 -5.41 -20.67
CA LYS B 89 -12.75 -4.77 -21.31
C LYS B 89 -11.67 -5.76 -21.73
N GLY B 90 -11.90 -7.05 -21.55
CA GLY B 90 -11.01 -8.10 -21.97
C GLY B 90 -9.98 -8.57 -20.98
N PHE B 91 -10.21 -8.24 -19.71
CA PHE B 91 -9.25 -8.62 -18.66
C PHE B 91 -9.81 -9.62 -17.69
N GLU B 92 -8.94 -10.38 -17.04
CA GLU B 92 -9.34 -11.31 -16.00
C GLU B 92 -8.31 -11.24 -14.89
N LEU B 93 -8.61 -11.89 -13.79
CA LEU B 93 -7.72 -11.89 -12.66
C LEU B 93 -6.43 -12.61 -12.97
N GLY B 94 -5.34 -11.90 -12.71
CA GLY B 94 -4.03 -12.53 -12.62
C GLY B 94 -3.84 -13.13 -11.24
N ASN B 95 -3.67 -12.24 -10.25
CA ASN B 95 -3.72 -12.62 -8.85
C ASN B 95 -4.03 -11.41 -7.98
N LEU B 96 -4.48 -11.71 -6.77
CA LEU B 96 -4.96 -10.70 -5.82
C LEU B 96 -4.32 -10.98 -4.45
N ASP B 97 -3.89 -9.92 -3.77
CA ASP B 97 -3.37 -10.07 -2.41
C ASP B 97 -3.98 -8.95 -1.56
N VAL B 98 -4.51 -9.31 -0.39
CA VAL B 98 -5.30 -8.41 0.42
C VAL B 98 -4.74 -8.44 1.82
N THR B 99 -4.69 -7.29 2.50
CA THR B 99 -4.20 -7.19 3.85
C THR B 99 -5.24 -6.48 4.71
N ILE B 100 -5.80 -7.22 5.65
CA ILE B 100 -6.78 -6.68 6.59
C ILE B 100 -5.99 -6.18 7.80
N ILE B 101 -6.19 -4.92 8.15
CA ILE B 101 -5.44 -4.28 9.24
C ILE B 101 -6.44 -4.01 10.36
N ALA B 102 -6.39 -4.81 11.43
CA ALA B 102 -7.42 -4.81 12.45
C ALA B 102 -6.82 -5.38 13.74
N GLN B 103 -7.16 -4.74 14.85
CA GLN B 103 -6.70 -5.19 16.15
C GLN B 103 -7.54 -6.40 16.62
N ALA B 104 -8.81 -6.41 16.21
CA ALA B 104 -9.79 -7.44 16.52
C ALA B 104 -10.94 -7.25 15.53
N PRO B 105 -11.76 -8.27 15.31
CA PRO B 105 -11.56 -9.64 15.79
C PRO B 105 -10.42 -10.39 15.13
N LYS B 106 -10.18 -11.62 15.59
CA LYS B 106 -9.19 -12.48 14.97
C LYS B 106 -9.71 -12.98 13.61
N ALA B 108 -7.98 -15.18 11.49
CA ALA B 108 -7.43 -16.45 11.04
C ALA B 108 -8.46 -17.55 10.77
N PRO B 109 -9.46 -17.75 11.63
CA PRO B 109 -10.44 -18.83 11.40
C PRO B 109 -11.35 -18.63 10.20
N HIS B 110 -11.34 -17.43 9.63
CA HIS B 110 -12.22 -17.06 8.53
C HIS B 110 -11.53 -16.88 7.18
N ILE B 111 -10.20 -16.93 7.16
CA ILE B 111 -9.43 -16.62 5.95
C ILE B 111 -9.84 -17.51 4.80
N GLU B 112 -9.93 -18.81 5.03
CA GLU B 112 -10.32 -19.68 3.91
C GLU B 112 -11.71 -19.44 3.35
N ASP B 113 -12.69 -19.20 4.22
CA ASP B 113 -14.04 -18.85 3.78
C ASP B 113 -14.00 -17.54 2.95
N ARG B 115 -11.44 -16.41 1.15
CA ARG B 115 -10.80 -16.70 -0.11
C ARG B 115 -11.79 -17.37 -1.05
N GLN B 116 -12.65 -18.22 -0.50
CA GLN B 116 -13.68 -18.89 -1.33
C GLN B 116 -14.75 -17.96 -1.83
N VAL B 117 -15.14 -16.96 -1.05
CA VAL B 117 -16.07 -15.94 -1.55
C VAL B 117 -15.47 -15.27 -2.79
N LEU B 118 -14.21 -14.87 -2.70
CA LEU B 118 -13.53 -14.21 -3.80
C LEU B 118 -13.33 -15.12 -5.03
N ALA B 119 -13.04 -16.39 -4.80
CA ALA B 119 -12.85 -17.35 -5.90
C ALA B 119 -14.15 -17.47 -6.67
N ALA B 120 -15.26 -17.48 -5.95
CA ALA B 120 -16.56 -17.53 -6.60
C ALA B 120 -16.84 -16.25 -7.36
N ASP B 121 -16.74 -15.09 -6.70
CA ASP B 121 -17.11 -13.83 -7.34
C ASP B 121 -16.17 -13.36 -8.43
N LEU B 122 -14.93 -13.81 -8.42
CA LEU B 122 -13.97 -13.41 -9.44
C LEU B 122 -13.77 -14.54 -10.47
N ASN B 123 -14.58 -15.59 -10.34
CA ASN B 123 -14.51 -16.77 -11.23
C ASN B 123 -13.05 -17.20 -11.42
N ALA B 124 -12.39 -17.42 -10.29
CA ALA B 124 -10.95 -17.61 -10.23
C ALA B 124 -10.57 -18.83 -9.44
N ASP B 125 -9.38 -19.32 -9.71
CA ASP B 125 -8.77 -20.35 -8.91
C ASP B 125 -8.32 -19.73 -7.60
N VAL B 126 -8.58 -20.42 -6.51
CA VAL B 126 -8.22 -19.90 -5.19
C VAL B 126 -6.70 -19.74 -5.04
N ALA B 127 -5.91 -20.47 -5.81
CA ALA B 127 -4.47 -20.29 -5.83
C ALA B 127 -4.03 -18.90 -6.32
N ASP B 128 -4.96 -18.12 -6.88
CA ASP B 128 -4.69 -16.78 -7.38
C ASP B 128 -5.22 -15.71 -6.42
N ILE B 129 -5.63 -16.14 -5.24
CA ILE B 129 -6.25 -15.26 -4.24
C ILE B 129 -5.62 -15.44 -2.87
N ASN B 130 -5.13 -14.34 -2.28
CA ASN B 130 -4.58 -14.36 -0.93
C ASN B 130 -5.22 -13.29 -0.05
N VAL B 131 -5.62 -13.70 1.15
CA VAL B 131 -6.10 -12.78 2.17
C VAL B 131 -5.26 -12.98 3.45
N LYS B 132 -4.76 -11.87 3.97
CA LYS B 132 -3.81 -11.82 5.08
C LYS B 132 -4.43 -10.88 6.10
N ALA B 133 -3.96 -10.98 7.33
CA ALA B 133 -4.32 -10.01 8.35
C ALA B 133 -3.15 -9.69 9.23
N THR B 134 -3.09 -8.44 9.68
CA THR B 134 -2.10 -8.03 10.67
C THR B 134 -2.75 -7.03 11.62
N THR B 135 -2.27 -6.96 12.86
CA THR B 135 -2.61 -5.82 13.72
C THR B 135 -1.53 -4.78 13.60
N THR B 136 -1.80 -3.62 14.20
CA THR B 136 -0.79 -2.57 14.35
C THR B 136 -0.35 -2.48 15.81
N GLU B 137 -0.50 -3.55 16.57
CA GLU B 137 0.12 -3.64 17.90
C GLU B 137 -0.36 -2.50 18.80
N LYS B 138 -1.65 -2.24 18.74
CA LYS B 138 -2.36 -1.26 19.55
C LYS B 138 -2.01 0.19 19.22
N LEU B 139 -1.38 0.42 18.07
CA LEU B 139 -1.03 1.75 17.60
C LEU B 139 -2.04 2.27 16.58
N GLY B 140 -2.32 3.56 16.65
CA GLY B 140 -3.18 4.22 15.68
C GLY B 140 -4.65 3.86 15.82
N PHE B 141 -5.45 4.32 14.86
CA PHE B 141 -6.88 4.16 14.96
C PHE B 141 -7.31 2.71 14.93
N THR B 142 -6.57 1.85 14.22
CA THR B 142 -6.97 0.45 14.24
C THR B 142 -6.52 -0.19 15.54
N GLY B 143 -5.38 0.24 16.04
CA GLY B 143 -4.83 -0.28 17.29
C GLY B 143 -5.75 0.04 18.49
N ARG B 144 -6.42 1.20 18.42
CA ARG B 144 -7.42 1.62 19.41
C ARG B 144 -8.83 1.02 19.18
N LYS B 145 -8.93 0.09 18.23
CA LYS B 145 -10.22 -0.52 17.90
C LYS B 145 -11.29 0.47 17.50
N GLU B 146 -10.89 1.51 16.78
CA GLU B 146 -11.84 2.49 16.28
C GLU B 146 -12.47 2.01 14.96
N GLY B 147 -11.76 1.17 14.23
CA GLY B 147 -12.23 0.69 12.93
C GLY B 147 -11.24 -0.27 12.30
N ILE B 148 -11.49 -0.59 11.03
CA ILE B 148 -10.68 -1.55 10.31
C ILE B 148 -10.25 -0.90 9.02
N ALA B 149 -8.99 -1.12 8.66
CA ALA B 149 -8.42 -0.69 7.39
C ALA B 149 -8.09 -1.91 6.54
N VAL B 150 -8.17 -1.77 5.23
CA VAL B 150 -7.81 -2.85 4.30
C VAL B 150 -7.02 -2.28 3.14
N GLU B 151 -5.92 -2.93 2.83
CA GLU B 151 -5.12 -2.67 1.63
C GLU B 151 -5.21 -3.85 0.67
N ALA B 152 -5.31 -3.59 -0.63
CA ALA B 152 -5.34 -4.64 -1.61
C ALA B 152 -4.52 -4.25 -2.83
N VAL B 153 -3.86 -5.23 -3.41
CA VAL B 153 -3.24 -5.07 -4.70
C VAL B 153 -3.71 -6.19 -5.64
N VAL B 154 -3.80 -5.86 -6.91
CA VAL B 154 -4.27 -6.79 -7.91
C VAL B 154 -3.48 -6.65 -9.18
N LEU B 155 -3.29 -7.77 -9.86
CA LEU B 155 -2.79 -7.79 -11.22
C LEU B 155 -3.93 -8.35 -12.09
N LEU B 156 -4.31 -7.62 -13.13
CA LEU B 156 -5.27 -8.13 -14.11
C LEU B 156 -4.53 -8.41 -15.41
N SER B 157 -4.92 -9.46 -16.11
CA SER B 157 -4.22 -9.82 -17.34
C SER B 157 -5.20 -9.94 -18.49
N ARG B 158 -4.76 -9.58 -19.69
CA ARG B 158 -5.63 -9.61 -20.85
C ARG B 158 -6.02 -11.04 -21.20
N GLN B 159 -7.31 -11.34 -21.08
CA GLN B 159 -8.01 -12.49 -21.70
C GLN B 159 -9.52 -12.56 -21.45
N LYS C 2 10.53 -6.95 -19.92
CA LYS C 2 10.52 -6.99 -18.45
C LYS C 2 9.46 -5.98 -17.95
N ILE C 3 8.73 -6.35 -16.91
CA ILE C 3 7.88 -5.39 -16.20
C ILE C 3 8.41 -5.27 -14.76
N ARG C 4 8.34 -4.07 -14.21
CA ARG C 4 8.81 -3.78 -12.88
C ARG C 4 7.73 -3.00 -12.11
N ILE C 5 7.55 -3.36 -10.84
CA ILE C 5 6.54 -2.74 -9.95
C ILE C 5 7.15 -1.74 -9.01
N GLY C 6 6.41 -0.68 -8.70
CA GLY C 6 6.82 0.24 -7.67
C GLY C 6 5.66 0.68 -6.80
N HIS C 7 5.99 1.10 -5.58
CA HIS C 7 5.03 1.55 -4.58
C HIS C 7 5.53 2.83 -3.98
N GLY C 8 4.66 3.83 -3.91
CA GLY C 8 4.99 5.07 -3.22
C GLY C 8 3.99 5.40 -2.15
N PHE C 9 4.48 6.06 -1.11
CA PHE C 9 3.65 6.51 -0.01
C PHE C 9 4.16 7.86 0.47
N ASP C 10 3.26 8.82 0.67
CA ASP C 10 3.68 10.12 1.18
C ASP C 10 2.59 10.73 2.05
N VAL C 11 3.03 11.58 2.97
CA VAL C 11 2.14 12.34 3.85
C VAL C 11 2.70 13.74 4.00
N HIS C 12 1.83 14.73 4.00
CA HIS C 12 2.17 16.05 4.54
C HIS C 12 1.06 16.58 5.42
N LYS C 13 1.43 17.49 6.32
CA LYS C 13 0.53 18.16 7.25
C LYS C 13 0.06 19.46 6.65
N PHE C 14 -1.20 19.79 6.92
CA PHE C 14 -1.73 21.10 6.59
C PHE C 14 -1.06 22.18 7.47
N GLY C 15 -1.15 23.42 7.01
CA GLY C 15 -0.73 24.55 7.82
C GLY C 15 0.15 25.57 7.16
N GLU C 16 0.48 25.39 5.89
CA GLU C 16 1.35 26.36 5.21
C GLU C 16 0.45 27.27 4.39
N PRO C 17 0.58 28.58 4.57
CA PRO C 17 -0.27 29.53 3.86
C PRO C 17 0.17 29.73 2.44
N ARG C 18 -0.17 28.71 1.66
CA ARG C 18 0.03 28.72 0.13
C ARG C 18 -0.95 27.90 -0.59
N PRO C 19 -1.08 28.02 -1.90
CA PRO C 19 -2.01 27.20 -2.65
C PRO C 19 -1.81 25.70 -2.40
N LEU C 20 -2.92 25.02 -2.27
CA LEU C 20 -2.94 23.57 -2.12
C LEU C 20 -2.88 22.97 -3.49
N ILE C 21 -1.71 22.44 -3.87
CA ILE C 21 -1.53 21.81 -5.17
C ILE C 21 -1.43 20.32 -4.95
N LEU C 22 -2.32 19.59 -5.57
CA LEU C 22 -2.47 18.14 -5.44
C LEU C 22 -2.53 17.51 -6.83
N CYS C 23 -1.57 16.63 -7.13
CA CYS C 23 -1.47 16.03 -8.46
C CYS C 23 -1.46 17.13 -9.55
N GLY C 24 -0.76 18.21 -9.22
CA GLY C 24 -0.54 19.33 -10.11
C GLY C 24 -1.74 20.24 -10.31
N VAL C 25 -2.77 20.05 -9.50
CA VAL C 25 -4.02 20.83 -9.63
C VAL C 25 -4.24 21.61 -8.36
N GLU C 26 -4.59 22.90 -8.49
CA GLU C 26 -4.91 23.71 -7.31
C GLU C 26 -6.33 23.38 -6.87
N VAL C 27 -6.45 22.92 -5.62
CA VAL C 27 -7.74 22.58 -5.02
C VAL C 27 -8.03 23.60 -3.93
N PRO C 28 -9.17 24.26 -4.01
CA PRO C 28 -9.51 25.25 -2.98
C PRO C 28 -9.52 24.69 -1.56
N TYR C 29 -8.82 25.36 -0.67
CA TYR C 29 -8.80 24.98 0.75
C TYR C 29 -8.26 26.12 1.56
N GLU C 30 -8.60 26.14 2.84
CA GLU C 30 -8.20 27.22 3.73
C GLU C 30 -6.68 27.33 3.95
N THR C 31 -5.95 26.23 3.70
CA THR C 31 -4.52 26.23 3.92
C THR C 31 -3.88 25.26 2.93
N GLY C 32 -2.57 25.26 2.89
CA GLY C 32 -1.80 24.33 2.09
C GLY C 32 -1.01 23.36 2.92
N LEU C 33 -0.12 22.62 2.26
CA LEU C 33 0.66 21.59 2.90
C LEU C 33 2.09 22.04 3.15
N VAL C 34 2.59 21.71 4.33
CA VAL C 34 3.95 21.99 4.72
C VAL C 34 4.91 20.98 4.08
N ALA C 35 5.97 21.49 3.45
CA ALA C 35 6.99 20.66 2.81
C ALA C 35 8.15 21.55 2.38
N HIS C 36 9.27 20.91 2.06
CA HIS C 36 10.41 21.63 1.50
C HIS C 36 10.12 22.11 0.11
N SER C 37 9.61 21.22 -0.73
CA SER C 37 9.14 21.57 -2.07
C SER C 37 7.73 22.17 -1.98
N ASP C 38 6.99 22.17 -3.09
CA ASP C 38 5.64 22.73 -3.15
C ASP C 38 4.58 21.92 -2.35
N GLY C 39 4.98 20.80 -1.76
CA GLY C 39 4.10 20.03 -0.89
C GLY C 39 3.10 19.12 -1.58
N ASP C 40 3.26 18.88 -2.89
CA ASP C 40 2.31 18.07 -3.64
C ASP C 40 2.51 16.60 -3.30
N VAL C 41 1.80 16.19 -2.27
CA VAL C 41 1.88 14.83 -1.71
C VAL C 41 1.53 13.76 -2.76
N VAL C 42 0.65 14.07 -3.70
CA VAL C 42 0.26 13.09 -4.70
C VAL C 42 1.40 12.84 -5.68
N LEU C 43 1.97 13.91 -6.22
CA LEU C 43 3.07 13.71 -7.16
C LEU C 43 4.29 13.11 -6.48
N HIS C 44 4.51 13.44 -5.21
CA HIS C 44 5.60 12.83 -4.44
C HIS C 44 5.45 11.32 -4.37
N ALA C 45 4.26 10.86 -4.04
CA ALA C 45 4.04 9.41 -3.92
C ALA C 45 4.25 8.71 -5.27
N ILE C 46 3.78 9.31 -6.35
CA ILE C 46 3.94 8.78 -7.70
C ILE C 46 5.44 8.74 -8.04
N SER C 47 6.15 9.82 -7.72
CA SER C 47 7.58 9.91 -7.96
C SER C 47 8.30 8.78 -7.25
N ASP C 48 7.96 8.54 -5.98
CA ASP C 48 8.61 7.46 -5.21
C ASP C 48 8.26 6.09 -5.80
N ALA C 49 7.06 5.92 -6.33
CA ALA C 49 6.69 4.67 -6.98
C ALA C 49 7.53 4.43 -8.23
N ILE C 50 7.80 5.49 -8.99
CA ILE C 50 8.60 5.37 -10.22
C ILE C 50 10.06 5.12 -9.88
N LEU C 51 10.63 5.91 -8.97
CA LEU C 51 11.98 5.65 -8.48
C LEU C 51 12.09 4.25 -7.89
N GLY C 52 11.09 3.85 -7.13
CA GLY C 52 11.07 2.54 -6.50
C GLY C 52 11.07 1.40 -7.48
N ALA C 53 10.24 1.50 -8.52
CA ALA C 53 10.17 0.45 -9.54
C ALA C 53 11.54 0.26 -10.20
N ALA C 55 14.49 0.89 -8.84
CA ALA C 55 15.50 0.68 -7.82
C ALA C 55 16.48 1.83 -7.77
N LEU C 56 15.93 3.05 -7.86
CA LEU C 56 16.74 4.26 -7.82
C LEU C 56 16.65 5.02 -6.50
N GLY C 57 16.07 4.42 -5.47
CA GLY C 57 16.02 5.03 -4.16
C GLY C 57 14.70 5.72 -3.93
N ASP C 58 14.75 6.99 -3.54
CA ASP C 58 13.54 7.73 -3.25
C ASP C 58 13.75 9.22 -3.41
N ILE C 59 12.69 10.01 -3.26
CA ILE C 59 12.79 11.45 -3.45
C ILE C 59 13.64 12.14 -2.38
N GLY C 60 13.79 11.52 -1.22
CA GLY C 60 14.69 12.01 -0.18
C GLY C 60 16.14 12.01 -0.63
N LYS C 61 16.50 11.04 -1.46
CA LYS C 61 17.83 10.97 -2.04
C LYS C 61 18.01 11.92 -3.22
N HIS C 62 17.05 11.93 -4.13
CA HIS C 62 17.19 12.70 -5.36
C HIS C 62 17.00 14.20 -5.18
N PHE C 63 16.08 14.57 -4.29
CA PHE C 63 15.61 15.96 -4.14
C PHE C 63 15.61 16.30 -2.64
N PRO C 64 16.79 16.36 -2.04
CA PRO C 64 16.90 16.35 -0.58
C PRO C 64 16.33 17.60 0.11
N ASP C 65 15.70 17.35 1.25
CA ASP C 65 15.14 18.36 2.11
C ASP C 65 16.17 19.37 2.62
N THR C 66 17.43 18.95 2.64
CA THR C 66 18.57 19.77 3.07
C THR C 66 19.09 20.68 1.94
N ASP C 67 18.54 20.55 0.75
CA ASP C 67 19.11 21.14 -0.44
C ASP C 67 18.34 22.36 -0.94
N ALA C 68 18.99 23.53 -0.94
CA ALA C 68 18.35 24.78 -1.38
C ALA C 68 17.83 24.80 -2.80
N ALA C 69 18.46 24.06 -3.71
CA ALA C 69 17.96 23.95 -5.07
C ALA C 69 16.48 23.62 -5.13
N TYR C 70 16.03 22.80 -4.17
CA TYR C 70 14.70 22.20 -4.18
C TYR C 70 13.66 22.90 -3.27
N LYS C 71 14.06 23.95 -2.58
CA LYS C 71 13.11 24.74 -1.80
C LYS C 71 12.01 25.33 -2.70
N GLY C 72 10.78 24.93 -2.42
CA GLY C 72 9.63 25.33 -3.20
C GLY C 72 9.47 24.71 -4.59
N ALA C 73 10.26 23.68 -4.86
CA ALA C 73 10.28 23.07 -6.19
C ALA C 73 8.90 22.61 -6.62
N ASP C 74 8.57 22.83 -7.88
CA ASP C 74 7.34 22.37 -8.47
C ASP C 74 7.42 20.85 -8.63
N SER C 75 6.48 20.14 -8.04
CA SER C 75 6.55 18.70 -8.07
C SER C 75 6.25 18.04 -9.39
N ARG C 76 5.66 18.76 -10.36
CA ARG C 76 5.58 18.23 -11.73
C ARG C 76 6.97 18.13 -12.36
N VAL C 77 7.79 19.13 -12.10
CA VAL C 77 9.17 19.13 -12.59
C VAL C 77 9.91 17.95 -11.97
N LEU C 78 9.73 17.74 -10.68
CA LEU C 78 10.39 16.62 -10.00
C LEU C 78 9.89 15.26 -10.52
N LEU C 79 8.59 15.13 -10.76
CA LEU C 79 8.03 13.89 -11.34
C LEU C 79 8.66 13.60 -12.69
N ARG C 80 8.81 14.64 -13.50
CA ARG C 80 9.34 14.47 -14.83
C ARG C 80 10.81 14.11 -14.82
N HIS C 81 11.53 14.56 -13.83
CA HIS C 81 12.92 14.16 -13.60
C HIS C 81 12.94 12.67 -13.32
N CYS C 82 12.06 12.21 -12.44
CA CYS C 82 12.04 10.81 -12.09
C CYS C 82 11.70 9.95 -13.31
N TYR C 83 10.70 10.34 -14.09
CA TYR C 83 10.29 9.57 -15.22
C TYR C 83 11.37 9.56 -16.28
N ALA C 84 12.09 10.67 -16.44
CA ALA C 84 13.20 10.70 -17.40
C ALA C 84 14.29 9.67 -17.03
N LEU C 85 14.54 9.47 -15.76
CA LEU C 85 15.50 8.46 -15.33
C LEU C 85 15.01 7.08 -15.71
N ALA C 86 13.71 6.86 -15.54
CA ALA C 86 13.12 5.59 -15.98
C ALA C 86 13.28 5.37 -17.49
N LYS C 87 12.98 6.40 -18.26
CA LYS C 87 13.11 6.36 -19.71
C LYS C 87 14.57 6.14 -20.12
N ALA C 88 15.51 6.69 -19.38
CA ALA C 88 16.95 6.50 -19.69
C ALA C 88 17.35 5.04 -19.53
N LYS C 89 16.64 4.30 -18.68
CA LYS C 89 16.89 2.89 -18.44
C LYS C 89 16.09 1.99 -19.37
N GLY C 90 15.36 2.60 -20.30
CA GLY C 90 14.59 1.92 -21.32
C GLY C 90 13.18 1.53 -20.95
N PHE C 91 12.65 2.09 -19.87
CA PHE C 91 11.29 1.78 -19.41
C PHE C 91 10.32 2.91 -19.67
N GLU C 92 9.04 2.56 -19.77
CA GLU C 92 7.98 3.53 -19.89
C GLU C 92 6.80 3.08 -19.02
N LEU C 93 5.83 3.95 -18.88
CA LEU C 93 4.65 3.62 -18.08
C LEU C 93 3.86 2.47 -18.66
N GLY C 94 3.60 1.47 -17.83
CA GLY C 94 2.61 0.45 -18.11
C GLY C 94 1.24 1.00 -17.69
N ASN C 95 1.07 1.11 -16.38
CA ASN C 95 -0.08 1.80 -15.84
C ASN C 95 0.21 2.25 -14.41
N LEU C 96 -0.59 3.20 -13.97
CA LEU C 96 -0.43 3.85 -12.67
C LEU C 96 -1.78 3.92 -11.98
N ASP C 97 -1.83 3.59 -10.71
CA ASP C 97 -3.04 3.75 -9.90
C ASP C 97 -2.67 4.45 -8.58
N VAL C 98 -3.45 5.46 -8.21
CA VAL C 98 -3.10 6.35 -7.14
C VAL C 98 -4.30 6.43 -6.22
N THR C 99 -4.05 6.43 -4.93
CA THR C 99 -5.08 6.50 -3.92
C THR C 99 -4.81 7.67 -2.97
N ILE C 100 -5.62 8.70 -3.05
CA ILE C 100 -5.53 9.86 -2.18
C ILE C 100 -6.38 9.58 -0.96
N ILE C 101 -5.80 9.73 0.23
CA ILE C 101 -6.46 9.37 1.48
C ILE C 101 -6.59 10.65 2.30
N ALA C 102 -7.82 11.16 2.37
CA ALA C 102 -8.06 12.51 2.90
C ALA C 102 -9.51 12.66 3.27
N GLN C 103 -9.76 13.38 4.35
CA GLN C 103 -11.12 13.73 4.76
C GLN C 103 -11.62 14.99 4.04
N ALA C 104 -10.66 15.87 3.74
CA ALA C 104 -10.89 17.17 3.11
C ALA C 104 -9.58 17.63 2.47
N PRO C 105 -9.62 18.44 1.41
CA PRO C 105 -10.82 18.85 0.68
C PRO C 105 -11.45 17.71 -0.09
N LYS C 106 -12.58 18.02 -0.70
CA LYS C 106 -13.26 17.09 -1.56
C LYS C 106 -12.47 16.94 -2.90
N ALA C 108 -13.26 14.71 -5.62
CA ALA C 108 -13.98 14.24 -6.79
C ALA C 108 -14.04 15.23 -7.97
N PRO C 109 -14.31 16.53 -7.73
CA PRO C 109 -14.38 17.49 -8.85
C PRO C 109 -13.09 17.67 -9.64
N HIS C 110 -11.97 17.22 -9.08
CA HIS C 110 -10.63 17.47 -9.63
C HIS C 110 -9.99 16.24 -10.23
N ILE C 111 -10.59 15.06 -10.08
CA ILE C 111 -9.96 13.81 -10.54
C ILE C 111 -9.56 13.86 -11.99
N GLU C 112 -10.44 14.33 -12.87
CA GLU C 112 -10.10 14.27 -14.28
C GLU C 112 -8.99 15.25 -14.62
N ASP C 113 -9.00 16.43 -14.02
CA ASP C 113 -7.91 17.39 -14.21
C ASP C 113 -6.57 16.79 -13.74
N ARG C 115 -5.79 13.51 -13.58
CA ARG C 115 -5.40 12.51 -14.56
C ARG C 115 -4.75 13.17 -15.79
N GLN C 116 -5.29 14.30 -16.23
CA GLN C 116 -4.77 14.95 -17.41
C GLN C 116 -3.39 15.56 -17.17
N VAL C 117 -3.13 16.05 -15.95
CA VAL C 117 -1.80 16.50 -15.57
C VAL C 117 -0.81 15.35 -15.77
N LEU C 118 -1.16 14.18 -15.24
CA LEU C 118 -0.29 13.01 -15.31
C LEU C 118 -0.09 12.53 -16.73
N ALA C 119 -1.14 12.52 -17.53
CA ALA C 119 -1.03 12.07 -18.92
C ALA C 119 -0.03 13.00 -19.66
N ALA C 120 -0.09 14.29 -19.37
CA ALA C 120 0.86 15.25 -19.98
C ALA C 120 2.28 15.04 -19.48
N ASP C 121 2.45 14.95 -18.18
CA ASP C 121 3.76 14.85 -17.58
C ASP C 121 4.44 13.45 -17.77
N LEU C 122 3.67 12.42 -18.04
CA LEU C 122 4.27 11.09 -18.27
C LEU C 122 4.20 10.72 -19.76
N ASN C 123 3.81 11.69 -20.58
CA ASN C 123 3.63 11.47 -22.02
C ASN C 123 2.90 10.14 -22.29
N ALA C 124 1.75 9.99 -21.64
CA ALA C 124 1.04 8.73 -21.56
C ALA C 124 -0.41 8.91 -21.92
N ASP C 125 -1.03 7.80 -22.30
CA ASP C 125 -2.45 7.76 -22.54
C ASP C 125 -3.17 7.76 -21.21
N VAL C 126 -4.20 8.59 -21.10
CA VAL C 126 -4.95 8.68 -19.84
C VAL C 126 -5.59 7.34 -19.43
N ALA C 127 -5.83 6.43 -20.39
CA ALA C 127 -6.39 5.14 -20.06
C ALA C 127 -5.44 4.28 -19.22
N ASP C 128 -4.20 4.71 -19.09
CA ASP C 128 -3.18 4.02 -18.30
C ASP C 128 -2.95 4.70 -16.96
N ILE C 129 -3.79 5.67 -16.61
CA ILE C 129 -3.62 6.49 -15.41
C ILE C 129 -4.94 6.55 -14.63
N ASN C 130 -4.91 6.13 -13.37
CA ASN C 130 -6.08 6.22 -12.50
C ASN C 130 -5.74 6.98 -11.24
N VAL C 131 -6.64 7.87 -10.85
CA VAL C 131 -6.53 8.60 -9.58
C VAL C 131 -7.84 8.40 -8.82
N LYS C 132 -7.72 7.90 -7.59
CA LYS C 132 -8.86 7.58 -6.69
C LYS C 132 -8.71 8.40 -5.43
N ALA C 133 -9.83 8.55 -4.71
CA ALA C 133 -9.78 9.14 -3.39
C ALA C 133 -10.72 8.39 -2.48
N THR C 134 -10.29 8.29 -1.22
CA THR C 134 -11.15 7.78 -0.16
C THR C 134 -10.95 8.59 1.10
N THR C 135 -11.99 8.69 1.92
CA THR C 135 -11.78 9.17 3.27
C THR C 135 -11.52 7.94 4.14
N THR C 136 -11.15 8.24 5.39
CA THR C 136 -11.04 7.21 6.45
C THR C 136 -12.18 7.36 7.48
N GLU C 137 -13.28 7.96 7.06
CA GLU C 137 -14.48 8.06 7.91
C GLU C 137 -14.16 8.73 9.25
N LYS C 138 -13.38 9.78 9.18
CA LYS C 138 -12.96 10.62 10.31
C LYS C 138 -11.88 10.00 11.18
N LEU C 139 -11.45 8.78 10.86
CA LEU C 139 -10.43 8.13 11.68
C LEU C 139 -9.01 8.48 11.28
N GLY C 140 -8.14 8.55 12.28
CA GLY C 140 -6.72 8.79 12.05
C GLY C 140 -6.40 10.23 11.69
N PHE C 141 -5.12 10.51 11.46
CA PHE C 141 -4.73 11.89 11.18
C PHE C 141 -5.35 12.42 9.90
N THR C 142 -5.55 11.58 8.89
CA THR C 142 -6.26 12.05 7.71
C THR C 142 -7.71 12.33 8.02
N GLY C 143 -8.33 11.46 8.82
CA GLY C 143 -9.73 11.63 9.14
C GLY C 143 -10.03 12.88 9.96
N ARG C 144 -9.05 13.32 10.74
CA ARG C 144 -9.14 14.54 11.53
C ARG C 144 -8.67 15.76 10.75
N LYS C 145 -8.42 15.62 9.45
CA LYS C 145 -8.02 16.75 8.62
C LYS C 145 -6.69 17.37 9.06
N GLU C 146 -5.78 16.57 9.63
CA GLU C 146 -4.46 17.06 10.01
C GLU C 146 -3.55 17.16 8.80
N GLY C 147 -3.80 16.31 7.82
CA GLY C 147 -3.01 16.26 6.59
C GLY C 147 -3.61 15.28 5.62
N ILE C 148 -2.81 14.94 4.60
CA ILE C 148 -3.23 14.09 3.50
C ILE C 148 -2.18 13.01 3.32
N ALA C 149 -2.64 11.79 3.07
CA ALA C 149 -1.77 10.66 2.73
C ALA C 149 -2.07 10.20 1.33
N VAL C 150 -1.05 9.71 0.64
CA VAL C 150 -1.24 9.16 -0.71
C VAL C 150 -0.47 7.88 -0.83
N GLU C 151 -1.11 6.89 -1.44
CA GLU C 151 -0.45 5.68 -1.88
C GLU C 151 -0.51 5.57 -3.36
N ALA C 152 0.54 5.04 -3.98
CA ALA C 152 0.53 4.85 -5.43
C ALA C 152 1.22 3.56 -5.78
N VAL C 153 0.72 2.91 -6.83
CA VAL C 153 1.41 1.77 -7.39
C VAL C 153 1.61 1.98 -8.88
N VAL C 154 2.70 1.47 -9.41
CA VAL C 154 3.00 1.61 -10.82
C VAL C 154 3.59 0.33 -11.38
N LEU C 155 3.29 0.07 -12.66
CA LEU C 155 3.98 -0.94 -13.43
C LEU C 155 4.68 -0.21 -14.55
N LEU C 156 5.99 -0.43 -14.68
CA LEU C 156 6.75 0.08 -15.81
C LEU C 156 7.15 -1.10 -16.66
N SER C 157 7.15 -0.88 -17.97
CA SER C 157 7.51 -1.92 -18.92
C SER C 157 8.65 -1.47 -19.83
N ARG C 158 9.42 -2.44 -20.26
CA ARG C 158 10.55 -2.23 -21.15
C ARG C 158 10.05 -1.78 -22.52
N GLN C 159 10.33 -0.52 -22.86
CA GLN C 159 10.32 0.10 -24.20
C GLN C 159 9.85 1.53 -24.11
#